data_1GZQ
#
_entry.id   1GZQ
#
_cell.length_a   87.881
_cell.length_b   176.998
_cell.length_c   75.277
_cell.angle_alpha   90.00
_cell.angle_beta   90.00
_cell.angle_gamma   90.00
#
_symmetry.space_group_name_H-M   'C 2 2 21'
#
loop_
_entity.id
_entity.type
_entity.pdbx_description
1 polymer 'T-CELL SURFACE GLYCOPROTEIN CD1B'
2 polymer B2-MICROGLOBULIN
3 non-polymer '2-[(HYDROXY{[(2R,3R,5S,6R)-2,3,4,5,6-PENTAHYDROXYCYCLOHEXYL]OXY}PHOSPHORYL)OXY]-1-[(PALMITOYLOXY)METHYL]ETHYL HEPTADECANOATE'
4 non-polymer 'NITRATE ION'
5 non-polymer DODECANE
6 non-polymer DOCOSANE
7 water water
#
loop_
_entity_poly.entity_id
_entity_poly.type
_entity_poly.pdbx_seq_one_letter_code
_entity_poly.pdbx_strand_id
1 'polypeptide(L)'
;MGSEHAFQGPTSFHVIQTSSFTNSTWAQTQGSGWLDDLQIHGWDSDSGTAIFLKPWSKGNFSDKEVAELEEIFRVYIFGF
AREVQDFAGDFQMKYPFEIQGIAGCELHSGGAIVSFLRGALGGLDFLSVKNASCVPSPEGGSRAQKFCALIIQYQGIMET
VRILLYETCPRYLLGVLNAGKADLQRQVKPEAWLSSGPSPGPGRLQLVCHVSGFYPKPVWVMWMRGEQEQQGTQLGDILP
NANWTWYLRATLDVADGEAAGLSCRVKHSSLEGQDIILYWGPGSGGGLNDIFEAQKIEWH
;
A
2 'polypeptide(L)'
;MIQRTPKIQVYSRHPAENGKSNFLNCYVSGFHPSDIEVDLLKNGERIEKVEHSDLSFSKDWSFYLLYYTEFTPTEKDEYA
CRVNHVTLSQPKIVKWDRDM
;
B
#
loop_
_chem_comp.id
_chem_comp.type
_chem_comp.name
_chem_comp.formula
D12 non-polymer DODECANE 'C12 H26'
NO3 non-polymer 'NITRATE ION' 'N O3 -1'
PII non-polymer '2-[(HYDROXY{[(2R,3R,5S,6R)-2,3,4,5,6-PENTAHYDROXYCYCLOHEXYL]OXY}PHOSPHORYL)OXY]-1-[(PALMITOYLOXY)METHYL]ETHYL HEPTADECANOATE' 'C42 H81 O13 P'
TWT non-polymer DOCOSANE 'C22 H46'
#
# COMPACT_ATOMS: atom_id res chain seq x y z
N ALA A 6 -11.82 20.48 -4.28
CA ALA A 6 -12.29 20.64 -5.70
C ALA A 6 -11.22 20.15 -6.69
N PHE A 7 -10.45 19.14 -6.27
CA PHE A 7 -9.41 18.58 -7.11
C PHE A 7 -9.30 17.08 -6.87
N GLN A 8 -8.70 16.38 -7.81
CA GLN A 8 -8.56 14.94 -7.73
C GLN A 8 -7.15 14.50 -7.33
N GLY A 9 -7.00 13.21 -7.06
CA GLY A 9 -5.73 12.68 -6.64
C GLY A 9 -5.62 12.74 -5.14
N PRO A 10 -4.44 12.43 -4.57
CA PRO A 10 -4.20 12.43 -3.13
C PRO A 10 -4.52 13.77 -2.47
N THR A 11 -4.97 13.71 -1.23
CA THR A 11 -5.31 14.91 -0.45
C THR A 11 -4.59 14.86 0.90
N SER A 12 -3.66 13.93 1.06
CA SER A 12 -2.95 13.78 2.32
C SER A 12 -1.51 13.28 2.22
N PHE A 13 -0.75 13.58 3.27
CA PHE A 13 0.64 13.18 3.36
C PHE A 13 0.86 12.51 4.70
N HIS A 14 1.79 11.56 4.73
CA HIS A 14 2.13 10.91 5.97
C HIS A 14 3.42 10.18 5.81
N VAL A 15 4.11 10.01 6.93
CA VAL A 15 5.36 9.27 6.97
C VAL A 15 5.01 8.04 7.76
N ILE A 16 5.67 6.93 7.50
CA ILE A 16 5.40 5.74 8.28
C ILE A 16 6.69 5.27 8.85
N GLN A 17 6.58 4.43 9.86
CA GLN A 17 7.75 3.90 10.52
C GLN A 17 7.49 2.46 10.86
N THR A 18 8.50 1.62 10.70
CA THR A 18 8.38 0.22 11.07
C THR A 18 9.69 -0.08 11.76
N SER A 19 9.61 -0.37 13.06
CA SER A 19 10.82 -0.62 13.83
C SER A 19 10.79 -2.03 14.36
N SER A 20 11.71 -2.85 13.87
CA SER A 20 11.79 -4.23 14.29
C SER A 20 12.85 -4.42 15.35
N PHE A 21 12.45 -5.00 16.47
CA PHE A 21 13.42 -5.25 17.54
C PHE A 21 13.68 -6.75 17.66
N THR A 22 14.85 -7.19 17.24
CA THR A 22 15.20 -8.60 17.30
C THR A 22 15.68 -8.99 18.69
N ASN A 23 16.52 -8.15 19.30
CA ASN A 23 17.01 -8.39 20.65
C ASN A 23 17.35 -7.04 21.30
N SER A 24 17.82 -7.05 22.54
CA SER A 24 18.10 -5.82 23.28
C SER A 24 19.08 -4.80 22.69
N THR A 25 19.86 -5.20 21.68
CA THR A 25 20.82 -4.31 21.05
C THR A 25 20.78 -4.44 19.52
N TRP A 26 19.69 -5.01 19.02
CA TRP A 26 19.50 -5.19 17.59
C TRP A 26 18.11 -4.72 17.17
N ALA A 27 18.04 -3.54 16.56
CA ALA A 27 16.77 -2.97 16.12
C ALA A 27 16.99 -2.30 14.78
N GLN A 28 16.00 -2.38 13.90
CA GLN A 28 16.11 -1.74 12.59
C GLN A 28 14.82 -0.94 12.32
N THR A 29 14.95 0.16 11.59
CA THR A 29 13.81 0.99 11.30
C THR A 29 13.69 1.32 9.82
N GLN A 30 12.49 1.17 9.29
CA GLN A 30 12.26 1.47 7.90
C GLN A 30 11.21 2.57 7.88
N GLY A 31 11.42 3.58 7.06
CA GLY A 31 10.47 4.67 6.98
C GLY A 31 10.30 5.14 5.55
N SER A 32 9.25 5.91 5.32
CA SER A 32 8.96 6.44 3.99
C SER A 32 7.86 7.49 4.10
N GLY A 33 7.75 8.33 3.07
CA GLY A 33 6.77 9.40 3.01
C GLY A 33 5.77 9.12 1.89
N TRP A 34 4.51 9.42 2.14
CA TRP A 34 3.45 9.10 1.19
C TRP A 34 2.43 10.18 0.97
N LEU A 35 1.78 10.12 -0.19
CA LEU A 35 0.68 11.01 -0.57
C LEU A 35 -0.39 9.96 -0.82
N ASP A 36 -1.20 9.69 0.20
CA ASP A 36 -2.20 8.65 0.14
C ASP A 36 -1.43 7.33 -0.10
N ASP A 37 -1.68 6.61 -1.19
CA ASP A 37 -0.95 5.34 -1.45
C ASP A 37 0.30 5.50 -2.29
N LEU A 38 0.58 6.73 -2.73
CA LEU A 38 1.73 7.01 -3.59
C LEU A 38 2.95 7.40 -2.78
N GLN A 39 4.03 6.64 -2.95
CA GLN A 39 5.24 6.91 -2.21
C GLN A 39 6.00 8.03 -2.86
N ILE A 40 6.46 8.99 -2.04
CA ILE A 40 7.22 10.10 -2.60
C ILE A 40 8.56 10.24 -1.89
N HIS A 41 8.72 9.57 -0.76
CA HIS A 41 9.98 9.63 -0.04
C HIS A 41 10.41 8.25 0.38
N GLY A 42 11.71 8.02 0.28
CA GLY A 42 12.27 6.77 0.76
C GLY A 42 13.13 7.25 1.91
N TRP A 43 13.64 6.33 2.70
CA TRP A 43 14.51 6.72 3.79
C TRP A 43 15.67 5.75 3.82
N ASP A 44 16.89 6.26 3.67
CA ASP A 44 18.06 5.40 3.72
C ASP A 44 18.49 5.34 5.17
N SER A 45 18.38 4.16 5.78
CA SER A 45 18.72 3.95 7.19
C SER A 45 20.17 4.22 7.58
N ASP A 46 21.10 3.70 6.80
CA ASP A 46 22.53 3.88 7.09
C ASP A 46 22.83 5.37 7.20
N SER A 47 22.62 6.10 6.10
CA SER A 47 22.83 7.54 6.10
C SER A 47 21.44 8.08 6.41
N GLY A 48 21.23 8.60 7.61
CA GLY A 48 19.92 9.11 7.95
C GLY A 48 19.44 10.19 6.99
N THR A 49 19.26 9.84 5.72
CA THR A 49 18.82 10.79 4.71
C THR A 49 17.59 10.31 3.95
N ALA A 50 16.79 11.25 3.49
CA ALA A 50 15.59 10.92 2.76
C ALA A 50 15.97 10.63 1.30
N ILE A 51 15.13 9.89 0.60
CA ILE A 51 15.35 9.59 -0.82
C ILE A 51 14.14 10.21 -1.49
N PHE A 52 14.36 11.24 -2.30
CA PHE A 52 13.25 11.90 -2.97
C PHE A 52 12.90 11.19 -4.28
N LEU A 53 11.73 10.56 -4.29
CA LEU A 53 11.29 9.76 -5.43
C LEU A 53 10.74 10.48 -6.63
N LYS A 54 10.40 11.74 -6.45
CA LYS A 54 9.87 12.54 -7.55
C LYS A 54 10.65 13.84 -7.59
N PRO A 55 10.67 14.53 -8.75
CA PRO A 55 11.39 15.80 -8.88
C PRO A 55 10.85 16.85 -7.90
N TRP A 56 9.57 16.76 -7.60
CA TRP A 56 8.91 17.72 -6.72
C TRP A 56 8.67 17.24 -5.28
N SER A 57 9.36 16.19 -4.84
CA SER A 57 9.18 15.62 -3.50
C SER A 57 9.51 16.54 -2.34
N LYS A 58 10.26 17.60 -2.60
CA LYS A 58 10.61 18.52 -1.54
C LYS A 58 9.53 19.57 -1.36
N GLY A 59 8.49 19.53 -2.19
CA GLY A 59 7.40 20.48 -2.09
C GLY A 59 7.96 21.89 -2.25
N ASN A 60 7.48 22.83 -1.44
CA ASN A 60 8.01 24.19 -1.54
C ASN A 60 9.09 24.44 -0.50
N PHE A 61 9.57 23.37 0.15
CA PHE A 61 10.62 23.50 1.17
C PHE A 61 12.03 23.70 0.61
N SER A 62 12.82 24.52 1.30
CA SER A 62 14.18 24.81 0.88
C SER A 62 15.09 23.65 1.30
N ASP A 63 16.23 23.51 0.60
CA ASP A 63 17.17 22.45 0.92
C ASP A 63 17.62 22.53 2.38
N LYS A 64 17.60 23.73 2.94
CA LYS A 64 17.99 23.92 4.32
C LYS A 64 16.97 23.31 5.28
N GLU A 65 15.70 23.54 5.00
CA GLU A 65 14.67 23.00 5.87
C GLU A 65 14.52 21.49 5.68
N VAL A 66 14.78 21.01 4.47
CA VAL A 66 14.72 19.57 4.23
C VAL A 66 15.79 18.90 5.09
N ALA A 67 16.99 19.48 5.09
CA ALA A 67 18.09 18.93 5.89
C ALA A 67 17.79 18.97 7.39
N GLU A 68 17.03 19.97 7.84
CA GLU A 68 16.67 20.08 9.25
C GLU A 68 15.72 18.94 9.62
N LEU A 69 14.74 18.68 8.76
CA LEU A 69 13.80 17.63 9.01
C LEU A 69 14.51 16.27 9.00
N GLU A 70 15.42 16.05 8.05
CA GLU A 70 16.16 14.78 8.00
C GLU A 70 16.85 14.57 9.35
N GLU A 71 17.67 15.54 9.74
CA GLU A 71 18.37 15.48 10.99
C GLU A 71 17.38 15.15 12.12
N ILE A 72 16.22 15.78 12.10
CA ILE A 72 15.22 15.52 13.14
C ILE A 72 14.77 14.06 13.16
N PHE A 73 14.44 13.52 12.00
CA PHE A 73 14.02 12.13 11.93
C PHE A 73 15.16 11.20 12.26
N ARG A 74 16.37 11.58 11.85
CA ARG A 74 17.55 10.77 12.10
C ARG A 74 17.80 10.55 13.59
N VAL A 75 17.72 11.63 14.37
CA VAL A 75 17.94 11.51 15.80
C VAL A 75 16.74 10.85 16.46
N TYR A 76 15.54 11.11 15.93
CA TYR A 76 14.35 10.48 16.50
C TYR A 76 14.48 8.95 16.32
N ILE A 77 14.82 8.53 15.10
CA ILE A 77 14.95 7.10 14.83
C ILE A 77 15.95 6.44 15.76
N PHE A 78 17.10 7.06 15.95
CA PHE A 78 18.12 6.51 16.85
C PHE A 78 17.64 6.53 18.30
N GLY A 79 17.08 7.66 18.72
CA GLY A 79 16.60 7.78 20.08
C GLY A 79 15.44 6.87 20.41
N PHE A 80 14.57 6.64 19.43
CA PHE A 80 13.42 5.77 19.63
C PHE A 80 13.90 4.36 19.89
N ALA A 81 14.81 3.89 19.04
CA ALA A 81 15.36 2.55 19.19
C ALA A 81 15.99 2.40 20.58
N ARG A 82 16.80 3.38 20.93
CA ARG A 82 17.52 3.41 22.19
C ARG A 82 16.58 3.35 23.41
N GLU A 83 15.58 4.21 23.44
CA GLU A 83 14.65 4.23 24.57
C GLU A 83 13.79 2.99 24.64
N VAL A 84 13.46 2.41 23.50
CA VAL A 84 12.68 1.19 23.52
C VAL A 84 13.52 0.10 24.18
N GLN A 85 14.77 -0.04 23.75
CA GLN A 85 15.67 -1.05 24.32
C GLN A 85 15.86 -0.78 25.82
N ASP A 86 15.95 0.48 26.21
CA ASP A 86 16.12 0.83 27.63
C ASP A 86 14.93 0.43 28.51
N PHE A 87 13.73 0.80 28.10
CA PHE A 87 12.52 0.50 28.86
C PHE A 87 11.89 -0.85 28.52
N ALA A 88 12.49 -1.62 27.62
CA ALA A 88 11.94 -2.91 27.24
C ALA A 88 11.54 -3.77 28.45
N GLY A 89 12.49 -3.98 29.36
CA GLY A 89 12.22 -4.79 30.54
C GLY A 89 11.15 -4.17 31.41
N ASP A 90 11.34 -2.89 31.72
CA ASP A 90 10.40 -2.14 32.53
C ASP A 90 8.97 -2.30 31.98
N PHE A 91 8.84 -2.26 30.67
CA PHE A 91 7.53 -2.41 30.03
C PHE A 91 7.17 -3.86 29.75
N GLN A 92 7.96 -4.78 30.31
CA GLN A 92 7.70 -6.22 30.12
C GLN A 92 7.46 -6.52 28.64
N MET A 93 8.55 -6.50 27.87
CA MET A 93 8.47 -6.75 26.43
C MET A 93 9.22 -8.01 26.02
N LYS A 94 8.55 -8.90 25.28
CA LYS A 94 9.17 -10.12 24.83
C LYS A 94 9.70 -9.95 23.41
N TYR A 95 11.00 -10.19 23.21
CA TYR A 95 11.57 -10.10 21.87
C TYR A 95 11.25 -11.40 21.14
N PRO A 96 11.07 -11.35 19.81
CA PRO A 96 11.12 -10.13 18.98
C PRO A 96 9.77 -9.44 18.93
N PHE A 97 9.76 -8.15 18.61
CA PHE A 97 8.53 -7.38 18.49
C PHE A 97 8.70 -6.21 17.54
N GLU A 98 7.60 -5.79 16.92
CA GLU A 98 7.61 -4.67 15.98
C GLU A 98 6.73 -3.53 16.42
N ILE A 99 7.21 -2.32 16.19
CA ILE A 99 6.45 -1.13 16.51
C ILE A 99 6.23 -0.41 15.20
N GLN A 100 5.00 0.02 14.97
CA GLN A 100 4.67 0.76 13.75
C GLN A 100 4.11 2.13 14.08
N GLY A 101 4.39 3.10 13.22
CA GLY A 101 3.89 4.43 13.45
C GLY A 101 3.54 5.09 12.14
N ILE A 102 2.55 5.97 12.18
CA ILE A 102 2.13 6.70 11.00
C ILE A 102 1.68 8.06 11.46
N ALA A 103 2.19 9.11 10.82
CA ALA A 103 1.81 10.47 11.19
C ALA A 103 1.71 11.32 9.96
N GLY A 104 0.73 12.23 9.95
CA GLY A 104 0.55 13.09 8.80
C GLY A 104 -0.59 14.06 8.96
N CYS A 105 -1.06 14.59 7.84
CA CYS A 105 -2.16 15.53 7.86
C CYS A 105 -2.91 15.47 6.54
N GLU A 106 -4.15 15.89 6.55
CA GLU A 106 -4.93 15.88 5.34
C GLU A 106 -5.83 17.07 5.14
N LEU A 107 -6.01 17.42 3.87
CA LEU A 107 -6.83 18.55 3.47
C LEU A 107 -8.26 18.11 3.22
N HIS A 108 -9.20 18.66 3.98
CA HIS A 108 -10.62 18.35 3.80
C HIS A 108 -11.24 19.47 2.98
N SER A 109 -12.37 19.20 2.34
CA SER A 109 -13.04 20.23 1.55
C SER A 109 -13.45 21.33 2.51
N GLY A 110 -13.24 22.58 2.10
CA GLY A 110 -13.57 23.68 2.99
C GLY A 110 -12.28 24.36 3.42
N GLY A 111 -11.17 23.63 3.29
CA GLY A 111 -9.88 24.19 3.64
C GLY A 111 -9.27 23.78 4.96
N ALA A 112 -10.00 23.02 5.77
CA ALA A 112 -9.45 22.59 7.04
C ALA A 112 -8.45 21.48 6.76
N ILE A 113 -7.45 21.37 7.64
CA ILE A 113 -6.43 20.34 7.53
C ILE A 113 -6.30 19.69 8.90
N VAL A 114 -6.68 18.42 9.00
CA VAL A 114 -6.56 17.70 10.27
C VAL A 114 -5.31 16.83 10.27
N SER A 115 -4.61 16.82 11.40
CA SER A 115 -3.41 16.04 11.54
C SER A 115 -3.71 14.77 12.34
N PHE A 116 -2.81 13.80 12.24
CA PHE A 116 -3.02 12.54 12.93
C PHE A 116 -1.69 11.84 13.21
N LEU A 117 -1.74 10.87 14.11
CA LEU A 117 -0.56 10.10 14.48
C LEU A 117 -1.05 8.87 15.20
N ARG A 118 -0.63 7.71 14.73
CA ARG A 118 -1.04 6.45 15.35
C ARG A 118 0.18 5.56 15.51
N GLY A 119 0.20 4.81 16.60
CA GLY A 119 1.30 3.91 16.87
C GLY A 119 0.75 2.53 17.14
N ALA A 120 1.50 1.51 16.75
CA ALA A 120 1.04 0.14 16.96
C ALA A 120 2.14 -0.74 17.51
N LEU A 121 1.75 -1.72 18.31
CA LEU A 121 2.68 -2.66 18.90
C LEU A 121 2.09 -4.03 18.56
N GLY A 122 2.94 -4.92 18.05
CA GLY A 122 2.48 -6.25 17.69
C GLY A 122 1.31 -6.25 16.72
N GLY A 123 1.26 -5.28 15.81
CA GLY A 123 0.18 -5.24 14.83
C GLY A 123 -1.17 -4.76 15.31
N LEU A 124 -1.25 -4.26 16.55
CA LEU A 124 -2.51 -3.78 17.09
C LEU A 124 -2.36 -2.34 17.57
N ASP A 125 -3.46 -1.58 17.49
CA ASP A 125 -3.45 -0.20 17.95
C ASP A 125 -2.77 -0.13 19.31
N PHE A 126 -2.03 0.95 19.55
CA PHE A 126 -1.35 1.14 20.81
C PHE A 126 -1.66 2.53 21.30
N LEU A 127 -1.61 3.51 20.40
CA LEU A 127 -1.91 4.89 20.78
C LEU A 127 -2.25 5.73 19.54
N SER A 128 -2.70 6.96 19.78
CA SER A 128 -3.02 7.87 18.69
C SER A 128 -3.01 9.24 19.32
N VAL A 129 -3.02 10.28 18.49
CA VAL A 129 -2.99 11.65 18.98
C VAL A 129 -4.21 12.47 18.62
N LYS A 130 -5.12 12.60 19.57
CA LYS A 130 -6.35 13.38 19.40
C LYS A 130 -6.16 14.75 20.05
N ASN A 131 -6.62 15.79 19.36
CA ASN A 131 -6.50 17.16 19.85
C ASN A 131 -5.27 17.40 20.72
N ALA A 132 -4.10 17.28 20.10
CA ALA A 132 -2.82 17.51 20.77
C ALA A 132 -2.47 16.70 22.03
N SER A 133 -3.14 15.58 22.28
CA SER A 133 -2.80 14.78 23.45
C SER A 133 -2.65 13.28 23.14
N CYS A 134 -1.86 12.59 23.96
CA CYS A 134 -1.59 11.15 23.79
C CYS A 134 -2.74 10.29 24.29
N VAL A 135 -3.49 9.71 23.37
CA VAL A 135 -4.63 8.87 23.73
C VAL A 135 -4.33 7.38 23.60
N PRO A 136 -4.15 6.69 24.74
CA PRO A 136 -3.85 5.25 24.73
C PRO A 136 -4.98 4.49 24.06
N SER A 137 -4.65 3.40 23.39
CA SER A 137 -5.68 2.61 22.74
C SER A 137 -6.06 1.43 23.61
N PRO A 138 -7.34 1.02 23.57
CA PRO A 138 -7.83 -0.11 24.37
C PRO A 138 -6.98 -1.37 24.22
N GLU A 139 -6.52 -1.66 23.00
CA GLU A 139 -5.69 -2.85 22.78
C GLU A 139 -4.27 -2.61 23.24
N GLY A 140 -4.03 -1.41 23.77
CA GLY A 140 -2.71 -1.07 24.27
C GLY A 140 -2.52 -1.48 25.71
N GLY A 141 -3.61 -1.88 26.36
CA GLY A 141 -3.54 -2.31 27.75
C GLY A 141 -2.89 -1.33 28.70
N SER A 142 -2.25 -1.86 29.73
CA SER A 142 -1.58 -1.03 30.71
C SER A 142 -0.37 -0.36 30.06
N ARG A 143 0.28 -1.09 29.15
CA ARG A 143 1.44 -0.57 28.44
C ARG A 143 1.13 0.81 27.84
N ALA A 144 0.08 0.87 27.03
CA ALA A 144 -0.30 2.10 26.36
C ALA A 144 -0.53 3.24 27.33
N GLN A 145 -1.23 2.95 28.42
CA GLN A 145 -1.51 3.98 29.43
C GLN A 145 -0.22 4.44 30.09
N LYS A 146 0.66 3.49 30.39
CA LYS A 146 1.92 3.83 31.03
C LYS A 146 2.82 4.65 30.08
N PHE A 147 2.87 4.25 28.81
CA PHE A 147 3.69 4.97 27.84
C PHE A 147 3.21 6.40 27.65
N CYS A 148 1.91 6.56 27.38
CA CYS A 148 1.35 7.89 27.19
C CYS A 148 1.59 8.73 28.43
N ALA A 149 1.21 8.19 29.58
CA ALA A 149 1.39 8.88 30.86
C ALA A 149 2.85 9.31 31.00
N LEU A 150 3.75 8.46 30.55
CA LEU A 150 5.18 8.74 30.63
C LEU A 150 5.65 9.80 29.63
N ILE A 151 5.45 9.50 28.34
CA ILE A 151 5.90 10.39 27.26
C ILE A 151 5.49 11.86 27.35
N ILE A 152 4.28 12.12 27.82
CA ILE A 152 3.81 13.51 27.92
C ILE A 152 4.67 14.36 28.86
N GLN A 153 5.45 13.70 29.71
CA GLN A 153 6.31 14.42 30.65
C GLN A 153 7.54 15.03 29.99
N TYR A 154 7.78 14.66 28.74
CA TYR A 154 8.93 15.18 28.01
C TYR A 154 8.56 16.41 27.18
N GLN A 155 8.85 17.57 27.76
CA GLN A 155 8.57 18.87 27.15
C GLN A 155 9.09 18.98 25.72
N GLY A 156 10.32 18.55 25.53
CA GLY A 156 10.96 18.61 24.22
C GLY A 156 10.29 17.83 23.11
N ILE A 157 10.16 16.53 23.29
CA ILE A 157 9.57 15.68 22.25
C ILE A 157 8.13 16.05 21.95
N MET A 158 7.39 16.47 22.97
CA MET A 158 6.00 16.86 22.77
C MET A 158 5.87 18.12 21.93
N GLU A 159 6.73 19.10 22.22
CA GLU A 159 6.71 20.35 21.47
C GLU A 159 7.07 20.13 20.01
N THR A 160 7.97 19.18 19.77
CA THR A 160 8.41 18.85 18.41
C THR A 160 7.33 18.12 17.63
N VAL A 161 6.65 17.19 18.31
CA VAL A 161 5.58 16.43 17.69
C VAL A 161 4.51 17.42 17.30
N ARG A 162 4.19 18.34 18.23
CA ARG A 162 3.17 19.36 17.98
C ARG A 162 3.49 20.23 16.75
N ILE A 163 4.71 20.74 16.69
CA ILE A 163 5.11 21.58 15.56
C ILE A 163 5.00 20.83 14.24
N LEU A 164 5.65 19.66 14.18
CA LEU A 164 5.62 18.84 12.97
C LEU A 164 4.19 18.57 12.54
N LEU A 165 3.40 18.11 13.49
CA LEU A 165 2.02 17.74 13.26
C LEU A 165 1.05 18.88 12.88
N TYR A 166 1.12 20.00 13.60
CA TYR A 166 0.18 21.09 13.36
C TYR A 166 0.66 22.30 12.59
N GLU A 167 1.96 22.42 12.38
CA GLU A 167 2.47 23.56 11.63
C GLU A 167 3.26 23.14 10.38
N THR A 168 4.21 22.24 10.55
CA THR A 168 5.01 21.81 9.41
C THR A 168 4.26 20.94 8.42
N CYS A 169 3.54 19.93 8.92
CA CYS A 169 2.81 19.03 8.06
C CYS A 169 1.83 19.78 7.15
N PRO A 170 0.98 20.65 7.72
CA PRO A 170 0.03 21.38 6.87
C PRO A 170 0.77 22.19 5.79
N ARG A 171 1.80 22.93 6.21
CA ARG A 171 2.54 23.73 5.25
C ARG A 171 3.18 22.86 4.15
N TYR A 172 3.71 21.72 4.54
CA TYR A 172 4.35 20.82 3.58
C TYR A 172 3.34 20.31 2.58
N LEU A 173 2.21 19.82 3.09
CA LEU A 173 1.15 19.26 2.25
C LEU A 173 0.75 20.13 1.08
N LEU A 174 0.35 21.37 1.39
CA LEU A 174 -0.08 22.29 0.35
C LEU A 174 1.04 22.48 -0.65
N GLY A 175 2.26 22.58 -0.14
CA GLY A 175 3.38 22.75 -1.02
C GLY A 175 3.59 21.58 -2.00
N VAL A 176 3.48 20.32 -1.54
CA VAL A 176 3.68 19.19 -2.49
C VAL A 176 2.49 18.94 -3.35
N LEU A 177 1.30 19.18 -2.83
CA LEU A 177 0.12 18.96 -3.66
C LEU A 177 0.25 19.90 -4.84
N ASN A 178 0.70 21.12 -4.57
CA ASN A 178 0.87 22.10 -5.62
C ASN A 178 2.05 21.77 -6.53
N ALA A 179 3.22 21.54 -5.95
CA ALA A 179 4.40 21.25 -6.74
C ALA A 179 4.24 20.03 -7.66
N GLY A 180 3.52 19.00 -7.18
CA GLY A 180 3.33 17.79 -7.97
C GLY A 180 2.01 17.70 -8.70
N LYS A 181 1.30 18.81 -8.78
CA LYS A 181 0.02 18.90 -9.47
C LYS A 181 -0.04 18.15 -10.80
N ALA A 182 0.97 18.37 -11.65
CA ALA A 182 1.01 17.75 -12.97
C ALA A 182 0.85 16.24 -12.92
N ASP A 183 1.54 15.59 -11.98
CA ASP A 183 1.43 14.15 -11.84
C ASP A 183 0.21 13.73 -11.02
N LEU A 184 0.00 14.38 -9.88
CA LEU A 184 -1.09 14.05 -8.97
C LEU A 184 -2.49 14.21 -9.54
N GLN A 185 -2.69 15.19 -10.41
CA GLN A 185 -4.02 15.38 -10.96
C GLN A 185 -4.15 14.93 -12.41
N ARG A 186 -3.18 14.17 -12.90
CA ARG A 186 -3.26 13.69 -14.28
C ARG A 186 -4.41 12.69 -14.37
N GLN A 187 -4.83 12.42 -15.60
CA GLN A 187 -5.90 11.48 -15.85
C GLN A 187 -5.39 10.45 -16.84
N VAL A 188 -5.36 9.19 -16.44
CA VAL A 188 -4.91 8.15 -17.33
C VAL A 188 -6.06 7.19 -17.57
N LYS A 189 -6.43 7.01 -18.84
CA LYS A 189 -7.54 6.13 -19.18
C LYS A 189 -7.22 4.66 -18.96
N PRO A 190 -8.19 3.89 -18.47
CA PRO A 190 -7.97 2.47 -18.23
C PRO A 190 -8.15 1.68 -19.53
N GLU A 191 -7.73 0.43 -19.48
CA GLU A 191 -7.87 -0.47 -20.61
C GLU A 191 -8.56 -1.68 -20.00
N ALA A 192 -9.62 -2.15 -20.64
CA ALA A 192 -10.35 -3.29 -20.11
C ALA A 192 -10.27 -4.48 -21.05
N TRP A 193 -10.45 -5.67 -20.50
CA TRP A 193 -10.46 -6.88 -21.32
C TRP A 193 -11.20 -7.95 -20.53
N LEU A 194 -11.72 -8.93 -21.26
CA LEU A 194 -12.47 -10.01 -20.65
C LEU A 194 -11.69 -11.29 -20.69
N SER A 195 -12.03 -12.21 -19.79
CA SER A 195 -11.39 -13.50 -19.77
C SER A 195 -12.34 -14.48 -19.07
N SER A 196 -12.07 -15.76 -19.24
CA SER A 196 -12.89 -16.79 -18.64
C SER A 196 -12.11 -17.34 -17.46
N GLY A 197 -12.62 -17.08 -16.25
CA GLY A 197 -11.94 -17.55 -15.07
C GLY A 197 -12.14 -19.03 -14.85
N PRO A 198 -11.64 -19.56 -13.72
CA PRO A 198 -11.79 -20.99 -13.42
C PRO A 198 -13.26 -21.33 -13.20
N SER A 199 -13.75 -22.27 -14.00
CA SER A 199 -15.14 -22.71 -13.95
C SER A 199 -15.57 -23.08 -12.53
N PRO A 200 -16.63 -22.42 -12.02
CA PRO A 200 -17.16 -22.67 -10.68
C PRO A 200 -17.87 -24.00 -10.54
N GLY A 201 -17.86 -24.81 -11.59
CA GLY A 201 -18.53 -26.11 -11.53
C GLY A 201 -19.15 -26.51 -12.85
N PRO A 202 -19.53 -27.79 -13.02
CA PRO A 202 -20.13 -28.28 -14.26
C PRO A 202 -21.35 -27.45 -14.68
N GLY A 203 -21.27 -26.86 -15.86
CA GLY A 203 -22.37 -26.04 -16.36
C GLY A 203 -22.22 -24.56 -16.06
N ARG A 204 -21.42 -24.24 -15.03
CA ARG A 204 -21.20 -22.85 -14.66
C ARG A 204 -19.99 -22.27 -15.37
N LEU A 205 -19.80 -20.97 -15.18
CA LEU A 205 -18.70 -20.27 -15.81
C LEU A 205 -18.39 -19.03 -14.99
N GLN A 206 -17.15 -18.56 -15.05
CA GLN A 206 -16.81 -17.35 -14.32
C GLN A 206 -16.33 -16.25 -15.25
N LEU A 207 -17.11 -15.19 -15.32
CA LEU A 207 -16.81 -14.05 -16.16
C LEU A 207 -15.88 -13.09 -15.43
N VAL A 208 -14.75 -12.78 -16.06
CA VAL A 208 -13.78 -11.88 -15.46
C VAL A 208 -13.59 -10.63 -16.30
N CYS A 209 -13.67 -9.48 -15.65
CA CYS A 209 -13.47 -8.22 -16.33
C CYS A 209 -12.23 -7.56 -15.73
N HIS A 210 -11.26 -7.23 -16.57
CA HIS A 210 -10.03 -6.61 -16.09
C HIS A 210 -10.00 -5.14 -16.47
N VAL A 211 -9.56 -4.30 -15.54
CA VAL A 211 -9.45 -2.86 -15.78
C VAL A 211 -8.07 -2.51 -15.27
N SER A 212 -7.24 -1.93 -16.13
CA SER A 212 -5.88 -1.63 -15.70
C SER A 212 -5.30 -0.36 -16.29
N GLY A 213 -4.28 0.15 -15.60
CA GLY A 213 -3.59 1.35 -16.04
C GLY A 213 -4.30 2.66 -15.79
N PHE A 214 -5.39 2.63 -15.05
CA PHE A 214 -6.10 3.90 -14.82
C PHE A 214 -5.55 4.68 -13.62
N TYR A 215 -5.80 5.99 -13.63
CA TYR A 215 -5.40 6.91 -12.56
C TYR A 215 -6.19 8.19 -12.81
N PRO A 216 -6.72 8.84 -11.75
CA PRO A 216 -6.63 8.49 -10.32
C PRO A 216 -7.29 7.16 -9.98
N LYS A 217 -7.23 6.81 -8.70
CA LYS A 217 -7.73 5.55 -8.18
C LYS A 217 -9.22 5.26 -8.27
N PRO A 218 -10.07 6.23 -7.88
CA PRO A 218 -11.53 5.99 -7.94
C PRO A 218 -11.96 5.45 -9.32
N VAL A 219 -12.75 4.38 -9.31
CA VAL A 219 -13.21 3.79 -10.55
C VAL A 219 -14.48 2.98 -10.27
N TRP A 220 -15.29 2.80 -11.30
CA TRP A 220 -16.53 2.05 -11.18
C TRP A 220 -16.58 0.94 -12.23
N VAL A 221 -16.71 -0.30 -11.79
CA VAL A 221 -16.75 -1.44 -12.70
C VAL A 221 -17.89 -2.37 -12.29
N MET A 222 -18.76 -2.70 -13.24
CA MET A 222 -19.84 -3.61 -12.94
C MET A 222 -20.24 -4.49 -14.13
N TRP A 223 -20.75 -5.68 -13.84
CA TRP A 223 -21.22 -6.56 -14.88
C TRP A 223 -22.68 -6.18 -15.13
N MET A 224 -23.06 -6.05 -16.40
CA MET A 224 -24.41 -5.64 -16.74
C MET A 224 -25.12 -6.62 -17.66
N ARG A 225 -26.44 -6.48 -17.68
CA ARG A 225 -27.28 -7.22 -18.61
C ARG A 225 -28.12 -6.06 -19.11
N GLY A 226 -27.75 -5.54 -20.28
CA GLY A 226 -28.46 -4.40 -20.81
C GLY A 226 -28.10 -3.25 -19.89
N GLU A 227 -29.08 -2.74 -19.15
CA GLU A 227 -28.86 -1.62 -18.26
C GLU A 227 -29.11 -2.08 -16.82
N GLN A 228 -29.23 -3.39 -16.64
CA GLN A 228 -29.45 -3.96 -15.30
C GLN A 228 -28.16 -4.46 -14.67
N GLU A 229 -27.75 -3.79 -13.60
CA GLU A 229 -26.53 -4.17 -12.90
C GLU A 229 -26.70 -5.55 -12.28
N GLN A 230 -25.69 -6.40 -12.43
CA GLN A 230 -25.75 -7.72 -11.85
C GLN A 230 -25.24 -7.64 -10.41
N GLN A 231 -26.09 -8.01 -9.46
CA GLN A 231 -25.71 -7.94 -8.05
C GLN A 231 -24.59 -8.89 -7.68
N GLY A 232 -24.55 -10.06 -8.31
CA GLY A 232 -23.51 -11.03 -8.01
C GLY A 232 -22.10 -10.59 -8.38
N THR A 233 -21.97 -9.40 -8.97
CA THR A 233 -20.65 -8.89 -9.37
C THR A 233 -19.76 -8.77 -8.14
N GLN A 234 -18.66 -9.51 -8.15
CA GLN A 234 -17.70 -9.47 -7.06
C GLN A 234 -16.42 -8.73 -7.45
N LEU A 235 -16.22 -7.58 -6.82
CA LEU A 235 -15.03 -6.75 -7.04
C LEU A 235 -13.82 -7.39 -6.36
N GLY A 236 -12.66 -7.19 -6.94
CA GLY A 236 -11.45 -7.72 -6.34
C GLY A 236 -10.82 -6.52 -5.67
N ASP A 237 -9.65 -6.70 -5.08
CA ASP A 237 -8.99 -5.57 -4.43
C ASP A 237 -8.39 -4.68 -5.50
N ILE A 238 -8.35 -3.38 -5.26
CA ILE A 238 -7.73 -2.50 -6.23
C ILE A 238 -6.23 -2.65 -6.01
N LEU A 239 -5.58 -3.25 -7.00
CA LEU A 239 -4.15 -3.53 -6.94
C LEU A 239 -3.29 -2.49 -7.64
N PRO A 240 -2.03 -2.34 -7.19
CA PRO A 240 -1.17 -1.34 -7.82
C PRO A 240 -0.32 -1.88 -8.97
N ASN A 241 0.04 -0.96 -9.85
CA ASN A 241 0.95 -1.20 -10.96
C ASN A 241 2.03 -0.22 -10.49
N ALA A 242 3.30 -0.60 -10.58
CA ALA A 242 4.36 0.28 -10.10
C ALA A 242 4.43 1.65 -10.80
N ASN A 243 3.63 1.88 -11.83
CA ASN A 243 3.71 3.16 -12.53
C ASN A 243 2.63 4.17 -12.14
N TRP A 244 2.16 4.09 -10.91
CA TRP A 244 1.14 4.99 -10.42
C TRP A 244 -0.17 4.83 -11.19
N THR A 245 -0.56 3.59 -11.42
CA THR A 245 -1.84 3.28 -12.05
C THR A 245 -2.36 2.08 -11.27
N TRP A 246 -3.63 1.73 -11.46
CA TRP A 246 -4.18 0.61 -10.70
C TRP A 246 -4.76 -0.50 -11.55
N TYR A 247 -5.04 -1.63 -10.89
CA TYR A 247 -5.57 -2.82 -11.53
C TYR A 247 -6.72 -3.34 -10.70
N LEU A 248 -7.78 -3.77 -11.38
CA LEU A 248 -8.96 -4.27 -10.71
C LEU A 248 -9.69 -5.32 -11.54
N ARG A 249 -10.23 -6.31 -10.85
CA ARG A 249 -11.01 -7.36 -11.46
C ARG A 249 -12.43 -7.26 -10.94
N ALA A 250 -13.38 -7.65 -11.77
CA ALA A 250 -14.79 -7.69 -11.42
C ALA A 250 -15.21 -9.01 -12.03
N THR A 251 -15.66 -9.93 -11.17
CA THR A 251 -16.06 -11.25 -11.61
C THR A 251 -17.56 -11.48 -11.41
N LEU A 252 -18.09 -12.47 -12.12
CA LEU A 252 -19.50 -12.82 -12.03
C LEU A 252 -19.68 -14.33 -12.29
N ASP A 253 -20.18 -15.03 -11.28
CA ASP A 253 -20.41 -16.49 -11.37
C ASP A 253 -21.73 -16.68 -12.13
N VAL A 254 -21.65 -17.33 -13.27
CA VAL A 254 -22.82 -17.48 -14.11
C VAL A 254 -23.02 -18.86 -14.75
N ALA A 255 -24.26 -19.15 -15.15
CA ALA A 255 -24.58 -20.42 -15.81
C ALA A 255 -24.24 -20.33 -17.30
N ASP A 256 -23.70 -21.40 -17.86
CA ASP A 256 -23.31 -21.43 -19.27
C ASP A 256 -24.24 -20.66 -20.21
N GLY A 257 -25.55 -20.86 -20.03
CA GLY A 257 -26.52 -20.19 -20.88
C GLY A 257 -26.75 -18.71 -20.64
N GLU A 258 -26.60 -18.25 -19.40
CA GLU A 258 -26.83 -16.85 -19.11
C GLU A 258 -25.67 -15.92 -19.42
N ALA A 259 -24.56 -16.47 -19.91
CA ALA A 259 -23.40 -15.62 -20.23
C ALA A 259 -23.72 -14.64 -21.35
N ALA A 260 -24.17 -15.17 -22.49
CA ALA A 260 -24.50 -14.30 -23.63
C ALA A 260 -25.51 -13.26 -23.15
N GLY A 261 -25.28 -12.02 -23.53
CA GLY A 261 -26.18 -10.96 -23.13
C GLY A 261 -25.54 -10.07 -22.07
N LEU A 262 -24.55 -10.61 -21.36
CA LEU A 262 -23.86 -9.87 -20.30
C LEU A 262 -22.70 -9.05 -20.80
N SER A 263 -22.41 -7.96 -20.09
CA SER A 263 -21.31 -7.07 -20.45
C SER A 263 -20.66 -6.46 -19.22
N CYS A 264 -19.48 -5.92 -19.41
CA CYS A 264 -18.75 -5.27 -18.33
C CYS A 264 -18.76 -3.78 -18.64
N ARG A 265 -19.10 -2.97 -17.65
CA ARG A 265 -19.14 -1.53 -17.86
C ARG A 265 -18.17 -0.86 -16.91
N VAL A 266 -17.36 0.03 -17.47
CA VAL A 266 -16.34 0.72 -16.71
C VAL A 266 -16.50 2.23 -16.80
N LYS A 267 -16.54 2.88 -15.64
CA LYS A 267 -16.64 4.32 -15.59
C LYS A 267 -15.37 4.82 -14.90
N HIS A 268 -14.81 5.91 -15.40
CA HIS A 268 -13.61 6.48 -14.80
C HIS A 268 -13.51 7.93 -15.25
N SER A 269 -13.12 8.79 -14.32
CA SER A 269 -12.99 10.22 -14.58
C SER A 269 -12.24 10.61 -15.86
N SER A 270 -11.32 9.76 -16.31
CA SER A 270 -10.54 10.04 -17.52
C SER A 270 -11.32 9.73 -18.80
N LEU A 271 -12.41 8.99 -18.66
CA LEU A 271 -13.24 8.61 -19.79
C LEU A 271 -14.17 9.75 -20.22
N GLU A 272 -14.37 10.73 -19.34
CA GLU A 272 -15.23 11.87 -19.62
C GLU A 272 -16.59 11.44 -20.13
N GLY A 273 -17.29 10.63 -19.32
CA GLY A 273 -18.61 10.17 -19.69
C GLY A 273 -18.65 8.99 -20.66
N GLN A 274 -17.59 8.80 -21.44
CA GLN A 274 -17.57 7.70 -22.42
C GLN A 274 -17.15 6.37 -21.76
N ASP A 275 -18.12 5.68 -21.16
CA ASP A 275 -17.87 4.42 -20.49
C ASP A 275 -17.37 3.31 -21.42
N ILE A 276 -16.54 2.43 -20.87
CA ILE A 276 -16.03 1.30 -21.63
C ILE A 276 -17.05 0.19 -21.41
N ILE A 277 -17.56 -0.37 -22.50
CA ILE A 277 -18.52 -1.45 -22.41
C ILE A 277 -17.99 -2.57 -23.28
N LEU A 278 -17.80 -3.73 -22.69
CA LEU A 278 -17.28 -4.89 -23.37
C LEU A 278 -18.31 -5.98 -23.20
N TYR A 279 -18.71 -6.60 -24.30
CA TYR A 279 -19.73 -7.64 -24.21
C TYR A 279 -19.16 -9.04 -24.32
N TRP A 280 -19.74 -9.98 -23.57
CA TRP A 280 -19.31 -11.37 -23.61
C TRP A 280 -19.85 -11.95 -24.93
N GLY A 281 -18.98 -12.58 -25.72
CA GLY A 281 -19.42 -13.12 -26.99
C GLY A 281 -19.81 -14.59 -26.98
N PRO A 282 -20.80 -15.01 -27.79
CA PRO A 282 -21.26 -16.40 -27.87
C PRO A 282 -20.18 -17.39 -28.31
N GLY A 283 -20.52 -18.57 -28.50
N MET B 1 1.43 -10.21 20.07
CA MET B 1 2.22 -10.96 19.06
C MET B 1 1.33 -11.78 18.13
N ILE B 2 0.72 -11.11 17.16
CA ILE B 2 -0.12 -11.81 16.21
C ILE B 2 0.75 -12.19 15.02
N GLN B 3 0.25 -13.11 14.22
CA GLN B 3 0.94 -13.53 13.02
C GLN B 3 -0.16 -13.67 11.99
N ARG B 4 0.00 -13.01 10.86
CA ARG B 4 -0.99 -13.06 9.79
C ARG B 4 -0.30 -13.53 8.53
N THR B 5 -0.82 -14.59 7.92
CA THR B 5 -0.23 -15.10 6.68
C THR B 5 -0.48 -14.12 5.55
N PRO B 6 0.45 -14.02 4.60
CA PRO B 6 0.27 -13.10 3.48
C PRO B 6 -0.66 -13.56 2.38
N LYS B 7 -1.42 -12.59 1.87
CA LYS B 7 -2.33 -12.84 0.76
C LYS B 7 -1.40 -12.62 -0.42
N ILE B 8 -1.49 -13.47 -1.43
CA ILE B 8 -0.62 -13.35 -2.58
C ILE B 8 -1.41 -13.26 -3.87
N GLN B 9 -1.21 -12.19 -4.62
CA GLN B 9 -1.92 -12.02 -5.87
C GLN B 9 -0.95 -11.76 -7.00
N VAL B 10 -1.09 -12.52 -8.08
CA VAL B 10 -0.22 -12.39 -9.25
C VAL B 10 -1.00 -11.91 -10.45
N TYR B 11 -0.43 -10.96 -11.17
CA TYR B 11 -1.11 -10.41 -12.31
C TYR B 11 -0.15 -9.66 -13.22
N SER B 12 -0.53 -9.53 -14.48
CA SER B 12 0.29 -8.80 -15.42
C SER B 12 -0.38 -7.46 -15.59
N ARG B 13 0.43 -6.43 -15.80
CA ARG B 13 -0.07 -5.08 -15.96
C ARG B 13 -1.00 -4.97 -17.17
N HIS B 14 -0.68 -5.70 -18.23
CA HIS B 14 -1.49 -5.65 -19.44
C HIS B 14 -2.04 -7.02 -19.78
N PRO B 15 -3.05 -7.07 -20.67
CA PRO B 15 -3.59 -8.39 -21.03
C PRO B 15 -2.48 -9.22 -21.66
N ALA B 16 -2.44 -10.52 -21.36
CA ALA B 16 -1.41 -11.39 -21.90
C ALA B 16 -1.48 -11.48 -23.43
N GLU B 17 -0.32 -11.30 -24.06
CA GLU B 17 -0.21 -11.40 -25.51
C GLU B 17 1.19 -11.89 -25.85
N ASN B 18 1.29 -13.19 -26.11
CA ASN B 18 2.56 -13.82 -26.44
C ASN B 18 3.39 -12.97 -27.38
N GLY B 19 4.65 -12.74 -27.01
CA GLY B 19 5.53 -11.94 -27.84
C GLY B 19 5.72 -10.52 -27.34
N LYS B 20 4.63 -9.81 -27.08
CA LYS B 20 4.69 -8.43 -26.62
C LYS B 20 5.19 -8.33 -25.17
N SER B 21 6.04 -7.35 -24.92
CA SER B 21 6.59 -7.15 -23.58
C SER B 21 5.49 -6.65 -22.65
N ASN B 22 5.51 -7.15 -21.42
CA ASN B 22 4.51 -6.81 -20.41
C ASN B 22 5.20 -6.53 -19.07
N PHE B 23 4.48 -6.79 -17.98
CA PHE B 23 4.98 -6.62 -16.62
C PHE B 23 4.29 -7.64 -15.75
N LEU B 24 5.07 -8.41 -14.99
CA LEU B 24 4.52 -9.41 -14.09
C LEU B 24 4.48 -8.79 -12.69
N ASN B 25 3.35 -8.95 -11.98
CA ASN B 25 3.24 -8.37 -10.65
C ASN B 25 2.87 -9.35 -9.56
N CYS B 26 3.51 -9.20 -8.42
CA CYS B 26 3.18 -10.03 -7.29
C CYS B 26 2.94 -9.12 -6.08
N TYR B 27 1.66 -8.97 -5.76
CA TYR B 27 1.26 -8.15 -4.65
C TYR B 27 0.99 -9.06 -3.47
N VAL B 28 1.73 -8.87 -2.38
CA VAL B 28 1.55 -9.68 -1.19
C VAL B 28 1.13 -8.73 -0.09
N SER B 29 0.12 -9.10 0.68
CA SER B 29 -0.38 -8.20 1.71
C SER B 29 -1.07 -8.89 2.87
N GLY B 30 -1.52 -8.07 3.81
CA GLY B 30 -2.23 -8.54 4.98
C GLY B 30 -1.37 -9.36 5.92
N PHE B 31 -0.05 -9.27 5.79
CA PHE B 31 0.82 -10.06 6.66
C PHE B 31 1.43 -9.31 7.82
N HIS B 32 1.85 -10.08 8.81
CA HIS B 32 2.48 -9.55 9.99
C HIS B 32 3.11 -10.75 10.73
N PRO B 33 4.37 -10.62 11.19
CA PRO B 33 5.29 -9.48 11.12
C PRO B 33 5.79 -9.21 9.70
N SER B 34 6.52 -8.11 9.54
CA SER B 34 7.01 -7.68 8.23
C SER B 34 8.07 -8.51 7.53
N ASP B 35 8.99 -9.12 8.28
CA ASP B 35 10.05 -9.94 7.69
C ASP B 35 9.40 -10.90 6.71
N ILE B 36 9.86 -10.88 5.47
CA ILE B 36 9.29 -11.74 4.44
C ILE B 36 10.26 -11.84 3.26
N GLU B 37 10.05 -12.86 2.43
CA GLU B 37 10.90 -13.07 1.27
C GLU B 37 10.03 -13.41 0.07
N VAL B 38 10.16 -12.66 -1.00
CA VAL B 38 9.35 -12.91 -2.16
C VAL B 38 10.24 -13.10 -3.38
N ASP B 39 9.85 -14.01 -4.26
CA ASP B 39 10.61 -14.26 -5.48
C ASP B 39 9.63 -14.46 -6.61
N LEU B 40 9.96 -13.94 -7.78
CA LEU B 40 9.11 -14.16 -8.94
C LEU B 40 9.86 -15.29 -9.67
N LEU B 41 9.15 -16.36 -10.00
CA LEU B 41 9.81 -17.47 -10.67
C LEU B 41 9.44 -17.59 -12.13
N LYS B 42 10.31 -18.26 -12.88
CA LYS B 42 10.07 -18.53 -14.28
C LYS B 42 10.39 -20.01 -14.42
N ASN B 43 9.36 -20.81 -14.68
CA ASN B 43 9.51 -22.25 -14.81
C ASN B 43 10.23 -22.83 -13.60
N GLY B 44 10.02 -22.23 -12.43
CA GLY B 44 10.65 -22.71 -11.22
C GLY B 44 12.00 -22.07 -10.90
N GLU B 45 12.54 -21.28 -11.83
CA GLU B 45 13.82 -20.60 -11.65
C GLU B 45 13.62 -19.16 -11.20
N ARG B 46 14.04 -18.81 -9.99
CA ARG B 46 13.84 -17.44 -9.52
C ARG B 46 14.48 -16.40 -10.44
N ILE B 47 13.64 -15.49 -10.91
CA ILE B 47 14.05 -14.42 -11.80
C ILE B 47 15.07 -13.53 -11.10
N GLU B 48 16.03 -13.01 -11.87
CA GLU B 48 17.10 -12.19 -11.31
C GLU B 48 16.81 -10.70 -11.08
N LYS B 49 16.47 -9.99 -12.14
CA LYS B 49 16.18 -8.57 -12.00
C LYS B 49 14.72 -8.32 -11.64
N VAL B 50 14.45 -8.25 -10.34
CA VAL B 50 13.10 -8.01 -9.87
C VAL B 50 13.08 -6.80 -8.95
N GLU B 51 12.16 -5.87 -9.21
CA GLU B 51 12.06 -4.70 -8.36
C GLU B 51 10.97 -4.90 -7.34
N HIS B 52 11.06 -4.17 -6.24
CA HIS B 52 10.03 -4.27 -5.23
C HIS B 52 9.89 -2.95 -4.50
N SER B 53 8.71 -2.74 -3.93
CA SER B 53 8.44 -1.51 -3.23
C SER B 53 9.03 -1.48 -1.82
N ASP B 54 9.21 -0.29 -1.30
CA ASP B 54 9.69 -0.18 0.06
C ASP B 54 8.50 -0.66 0.87
N LEU B 55 8.77 -1.18 2.05
CA LEU B 55 7.72 -1.69 2.91
C LEU B 55 6.68 -0.61 3.21
N SER B 56 5.43 -1.05 3.36
CA SER B 56 4.32 -0.16 3.70
C SER B 56 3.29 -0.99 4.46
N PHE B 57 2.27 -0.33 4.98
CA PHE B 57 1.22 -1.08 5.66
C PHE B 57 -0.14 -0.42 5.55
N SER B 58 -1.18 -1.18 5.84
CA SER B 58 -2.55 -0.70 5.78
C SER B 58 -2.91 -0.06 7.10
N LYS B 59 -4.16 0.42 7.17
CA LYS B 59 -4.69 1.05 8.38
C LYS B 59 -4.75 0.02 9.51
N ASP B 60 -5.04 -1.23 9.15
CA ASP B 60 -5.11 -2.29 10.17
C ASP B 60 -3.71 -2.75 10.55
N TRP B 61 -2.71 -2.02 10.03
CA TRP B 61 -1.30 -2.28 10.28
C TRP B 61 -0.67 -3.49 9.60
N SER B 62 -1.42 -4.22 8.78
CA SER B 62 -0.81 -5.36 8.12
C SER B 62 0.01 -4.83 6.93
N PHE B 63 1.19 -5.38 6.76
CA PHE B 63 2.09 -4.96 5.70
C PHE B 63 1.71 -5.42 4.30
N TYR B 64 2.23 -4.73 3.28
CA TYR B 64 2.01 -5.13 1.87
C TYR B 64 3.21 -4.68 1.06
N LEU B 65 3.45 -5.38 -0.05
CA LEU B 65 4.58 -5.10 -0.90
C LEU B 65 4.26 -5.47 -2.34
N LEU B 66 4.84 -4.74 -3.27
CA LEU B 66 4.64 -5.06 -4.67
C LEU B 66 5.99 -5.48 -5.25
N TYR B 67 6.01 -6.65 -5.87
CA TYR B 67 7.20 -7.17 -6.51
C TYR B 67 6.83 -7.27 -7.97
N TYR B 68 7.69 -6.79 -8.84
CA TYR B 68 7.39 -6.84 -10.24
C TYR B 68 8.64 -6.91 -11.09
N THR B 69 8.43 -7.14 -12.38
CA THR B 69 9.52 -7.22 -13.33
C THR B 69 8.96 -7.24 -14.73
N GLU B 70 9.63 -6.50 -15.62
CA GLU B 70 9.27 -6.43 -17.03
C GLU B 70 9.42 -7.87 -17.53
N PHE B 71 8.48 -8.35 -18.35
CA PHE B 71 8.59 -9.71 -18.87
C PHE B 71 7.82 -9.91 -20.17
N THR B 72 8.18 -10.95 -20.91
CA THR B 72 7.54 -11.26 -22.17
C THR B 72 6.90 -12.64 -22.07
N PRO B 73 5.55 -12.70 -22.15
CA PRO B 73 4.82 -13.96 -22.07
C PRO B 73 4.88 -14.75 -23.37
N THR B 74 5.17 -16.04 -23.27
CA THR B 74 5.22 -16.90 -24.45
C THR B 74 4.09 -17.89 -24.28
N GLU B 75 3.83 -18.72 -25.30
CA GLU B 75 2.75 -19.69 -25.17
C GLU B 75 3.02 -20.52 -23.93
N LYS B 76 4.29 -20.81 -23.68
CA LYS B 76 4.65 -21.57 -22.49
C LYS B 76 5.30 -20.66 -21.46
N ASP B 77 6.29 -21.18 -20.75
CA ASP B 77 6.97 -20.41 -19.71
C ASP B 77 5.96 -20.13 -18.61
N GLU B 78 6.03 -20.91 -17.55
CA GLU B 78 5.11 -20.74 -16.43
C GLU B 78 5.73 -19.82 -15.39
N TYR B 79 5.08 -18.69 -15.13
CA TYR B 79 5.59 -17.76 -14.14
C TYR B 79 4.80 -17.94 -12.86
N ALA B 80 5.42 -17.61 -11.74
CA ALA B 80 4.77 -17.73 -10.44
C ALA B 80 5.44 -16.81 -9.42
N CYS B 81 4.91 -16.81 -8.21
CA CYS B 81 5.44 -15.98 -7.13
C CYS B 81 5.65 -16.87 -5.92
N ARG B 82 6.81 -16.74 -5.27
CA ARG B 82 7.12 -17.57 -4.12
C ARG B 82 7.31 -16.74 -2.86
N VAL B 83 6.65 -17.16 -1.78
CA VAL B 83 6.73 -16.42 -0.53
C VAL B 83 7.13 -17.25 0.68
N ASN B 84 8.04 -16.70 1.48
CA ASN B 84 8.49 -17.33 2.71
C ASN B 84 8.06 -16.36 3.80
N HIS B 85 7.45 -16.88 4.86
CA HIS B 85 7.01 -16.02 5.94
C HIS B 85 6.82 -16.89 7.18
N VAL B 86 7.07 -16.31 8.35
CA VAL B 86 6.94 -17.04 9.60
C VAL B 86 5.64 -17.82 9.74
N THR B 87 4.63 -17.48 8.93
CA THR B 87 3.35 -18.19 9.01
C THR B 87 3.27 -19.40 8.10
N LEU B 88 4.23 -19.51 7.18
CA LEU B 88 4.24 -20.62 6.24
C LEU B 88 5.33 -21.62 6.61
N SER B 89 4.93 -22.85 6.96
CA SER B 89 5.89 -23.89 7.34
C SER B 89 6.80 -24.19 6.15
N GLN B 90 6.35 -23.81 4.96
CA GLN B 90 7.12 -23.99 3.74
C GLN B 90 6.68 -22.94 2.73
N PRO B 91 7.58 -22.56 1.80
CA PRO B 91 7.29 -21.56 0.78
C PRO B 91 5.95 -21.78 0.10
N LYS B 92 5.31 -20.69 -0.33
CA LYS B 92 4.04 -20.79 -1.02
C LYS B 92 4.22 -20.28 -2.45
N ILE B 93 3.77 -21.06 -3.41
CA ILE B 93 3.88 -20.69 -4.82
C ILE B 93 2.53 -20.43 -5.46
N VAL B 94 2.35 -19.22 -5.97
CA VAL B 94 1.10 -18.86 -6.63
C VAL B 94 1.44 -18.58 -8.08
N LYS B 95 1.00 -19.48 -8.95
CA LYS B 95 1.27 -19.37 -10.37
C LYS B 95 0.49 -18.22 -11.00
N TRP B 96 1.01 -17.71 -12.11
CA TRP B 96 0.36 -16.62 -12.81
C TRP B 96 -0.61 -17.20 -13.81
N ASP B 97 -1.89 -16.89 -13.62
CA ASP B 97 -2.95 -17.38 -14.50
C ASP B 97 -3.46 -16.24 -15.35
N ARG B 98 -3.15 -16.31 -16.64
CA ARG B 98 -3.55 -15.30 -17.61
C ARG B 98 -5.05 -15.05 -17.73
N ASP B 99 -5.86 -16.07 -17.47
CA ASP B 99 -7.32 -15.93 -17.59
C ASP B 99 -8.03 -15.64 -16.27
N MET B 100 -7.27 -15.48 -15.19
CA MET B 100 -7.85 -15.22 -13.87
C MET B 100 -7.98 -13.73 -13.55
OI1 PII C . 14.51 17.96 18.94
P1 PII C . 14.76 16.56 18.13
O11 PII C . 14.60 16.84 16.68
O13 PII C . 16.05 15.99 18.58
O12 PII C . 13.56 15.57 18.62
C21 PII C . 13.35 14.32 17.91
C24 PII C . 12.29 13.40 18.56
O29 PII C . 11.00 14.05 18.60
C25 PII C . 12.72 12.99 19.99
O26 PII C . 13.91 12.18 19.92
CO9 PII C . 10.41 13.92 17.50
OC9 PII C . 10.70 14.64 16.54
CO6 PII C . 13.91 11.29 20.81
OC6 PII C . 14.74 11.33 21.73
CR1 PII C . 9.32 12.88 17.37
CR2 PII C . 8.78 12.77 15.93
CL1 PII C . 13.21 9.98 20.49
CL2 PII C . 12.57 9.33 21.71
CR3 PII C . 7.68 11.75 15.66
CR4 PII C . 6.41 12.25 14.97
CR5 PII C . 6.57 13.19 13.77
CR6 PII C . 5.31 13.62 13.03
CR7 PII C . 5.48 14.01 11.57
CR8 PII C . 4.24 14.41 10.80
CR9 PII C . 4.44 14.98 9.40
CRA PII C . 5.58 15.96 9.21
CRB PII C . 5.80 16.48 7.79
CRC PII C . 7.23 16.84 7.38
CRD PII C . 7.61 16.58 5.93
CRE PII C . 9.10 16.42 5.61
CRF PII C . 9.59 17.00 4.29
CRG PII C . 10.28 16.06 3.31
CL3 PII C . 11.35 8.47 21.46
CL4 PII C . 9.99 9.07 21.79
CL5 PII C . 9.05 9.37 20.63
CL6 PII C . 7.65 8.78 20.70
CL7 PII C . 6.68 9.13 19.57
CL8 PII C . 5.60 10.13 19.90
CL9 PII C . 4.46 9.66 20.78
CLA PII C . 3.09 10.26 20.53
CLB PII C . 2.41 10.96 21.69
CLC PII C . 2.61 12.47 21.83
CLD PII C . 1.40 13.37 21.59
CLE PII C . 1.66 14.88 21.55
CLF PII C . 0.80 15.74 20.62
CI1 PII C . 13.41 18.94 18.63
CI2 PII C . 13.60 19.59 17.20
CI3 PII C . 12.44 20.61 16.91
CI4 PII C . 12.39 21.71 18.00
CI5 PII C . 12.21 21.09 19.41
CI6 PII C . 13.36 20.08 19.72
OI2 PII C . 14.87 20.24 17.08
OI3 PII C . 12.62 21.21 15.63
OI4 PII C . 11.32 22.63 17.72
OI5 PII C . 12.17 22.12 20.41
OI6 PII C . 13.19 19.50 21.03
N NO3 D . -5.16 8.49 -6.30
O1 NO3 D . -6.49 8.95 -6.72
O2 NO3 D . -4.21 9.03 -5.37
O3 NO3 D . -4.62 7.13 -6.93
N NO3 E . -8.35 -8.84 -7.42
O1 NO3 E . -8.68 -7.64 -8.22
O2 NO3 E . -8.69 -9.25 -6.06
O3 NO3 E . -7.43 -9.97 -8.13
N NO3 F . 10.47 22.16 11.99
O1 NO3 F . 9.33 21.31 11.67
O2 NO3 F . 11.04 22.59 13.24
O3 NO3 F . 11.28 22.75 10.73
C1 D12 G . 15.12 11.35 25.87
C2 D12 G . 14.33 10.33 26.68
C3 D12 G . 13.26 9.53 25.94
C4 D12 G . 11.90 9.36 26.61
C5 D12 G . 11.52 7.98 27.08
C6 D12 G . 10.62 7.15 26.16
C7 D12 G . 10.11 5.81 26.70
C8 D12 G . 9.68 4.75 25.67
C9 D12 G . 9.45 3.33 26.19
C10 D12 G . 9.19 2.24 25.16
C11 D12 G . 8.44 1.00 25.62
C12 D12 G . 7.32 0.48 24.71
C1 TWT H . 11.91 13.94 5.00
C2 TWT H . 10.80 12.91 5.15
C3 TWT H . 11.06 11.50 4.63
C4 TWT H . 10.43 10.34 5.39
C5 TWT H . 11.17 9.82 6.60
C6 TWT H . 10.46 8.84 7.53
C7 TWT H . 11.20 8.42 8.80
C8 TWT H . 10.36 8.20 10.06
C9 TWT H . 9.27 9.21 10.37
C10 TWT H . 8.65 9.21 11.78
C11 TWT H . 7.41 8.36 12.00
C12 TWT H . 6.21 9.02 12.66
C13 TWT H . 5.31 8.15 13.51
C14 TWT H . 5.47 8.26 15.02
C15 TWT H . 4.58 7.36 15.88
C16 TWT H . 5.22 6.15 16.55
C17 TWT H . 5.10 6.06 18.06
C18 TWT H . 4.60 4.73 18.64
C19 TWT H . 5.00 4.41 20.08
C20 TWT H . 4.57 3.06 20.63
C21 TWT H . 5.52 2.38 21.61
C22 TWT H . 5.09 1.03 22.16
#